data_6H3E
#
_entry.id   6H3E
#
loop_
_entity.id
_entity.type
_entity.pdbx_description
1 polymer 'Appetite-regulating hormone'
2 non-polymer octan-1-amine
#
_entity_poly.entity_id   1
_entity_poly.type   'polypeptide(L)'
_entity_poly.pdbx_seq_one_letter_code
;GSDFLSPEHQRVQQRKES(NH2)
;
_entity_poly.pdbx_strand_id   A
#
loop_
_chem_comp.id
_chem_comp.type
_chem_comp.name
_chem_comp.formula
FKZ non-polymer octan-1-amine 'C8 H19 N'
NH2 non-polymer 'AMINO GROUP' 'H2 N'
#
# COMPACT_ATOMS: atom_id res chain seq x y z
N GLY A 1 15.22 3.49 -3.90
CA GLY A 1 15.95 2.21 -3.82
C GLY A 1 15.05 1.06 -4.22
N SER A 2 15.39 -0.16 -3.80
CA SER A 2 14.64 -1.37 -4.16
C SER A 2 13.22 -1.36 -3.58
N ASP A 3 12.23 -1.41 -4.48
CA ASP A 3 10.80 -1.34 -4.21
C ASP A 3 10.04 -1.60 -5.52
N PHE A 4 8.95 -2.34 -5.40
CA PHE A 4 8.03 -2.75 -6.45
C PHE A 4 6.91 -1.74 -6.71
N LEU A 5 6.47 -1.06 -5.65
CA LEU A 5 5.50 0.03 -5.55
C LEU A 5 4.04 -0.44 -5.52
N SER A 6 3.25 0.32 -4.76
CA SER A 6 1.80 0.20 -4.61
C SER A 6 1.28 1.40 -3.80
N PRO A 7 0.07 1.92 -4.07
CA PRO A 7 -0.60 2.90 -3.21
C PRO A 7 -1.46 2.25 -2.12
N GLU A 8 -1.36 0.92 -1.97
CA GLU A 8 -2.18 0.09 -1.08
C GLU A 8 -1.39 -1.07 -0.48
N HIS A 9 -1.94 -1.60 0.62
CA HIS A 9 -1.61 -2.88 1.27
C HIS A 9 -0.48 -2.83 2.29
N GLN A 10 -0.52 -3.79 3.21
CA GLN A 10 0.39 -3.96 4.32
C GLN A 10 0.52 -5.46 4.58
N ARG A 11 1.74 -5.96 4.79
CA ARG A 11 1.99 -7.40 4.96
C ARG A 11 1.68 -7.82 6.40
N VAL A 12 0.38 -7.90 6.68
CA VAL A 12 -0.25 -8.40 7.91
C VAL A 12 -0.14 -9.93 7.94
N GLN A 13 -0.21 -10.55 9.13
CA GLN A 13 -0.14 -12.02 9.27
C GLN A 13 -1.31 -12.75 8.57
N GLN A 14 -2.36 -12.04 8.17
CA GLN A 14 -3.57 -12.59 7.53
C GLN A 14 -4.19 -11.58 6.56
N ARG A 15 -5.12 -12.04 5.72
CA ARG A 15 -5.94 -11.23 4.81
C ARG A 15 -7.40 -11.70 4.80
N LYS A 16 -8.34 -10.76 4.76
CA LYS A 16 -9.80 -10.97 4.78
C LYS A 16 -10.53 -9.87 3.97
N GLU A 17 -10.08 -9.63 2.74
CA GLU A 17 -10.50 -8.58 1.80
C GLU A 17 -9.69 -8.65 0.49
N SER A 18 -8.38 -8.82 0.57
CA SER A 18 -7.51 -8.90 -0.60
C SER A 18 -7.43 -10.35 -1.14
N NH2 A 19 -7.71 -10.56 -2.41
HN1 NH2 A 19 -7.97 -9.80 -3.03
HN2 NH2 A 19 -7.70 -11.51 -2.74
C1 FKZ B . 8.17 -0.67 -0.29
C2 FKZ B . 7.25 0.48 0.17
C3 FKZ B . 6.18 0.90 -0.87
C4 FKZ B . 5.23 -0.24 -1.33
C5 FKZ B . 4.53 -1.01 -0.20
C6 FKZ B . 3.57 -0.17 0.68
C7 FKZ B . 2.52 0.58 -0.14
C8 FKZ B . 1.32 1.09 0.68
N FKZ B . 9.16 -0.25 -1.30
H12 FKZ B . 8.74 -1.02 0.58
H11 FKZ B . 7.59 -1.51 -0.67
H22 FKZ B . 7.86 1.35 0.42
H21 FKZ B . 6.75 0.19 1.10
H31 FKZ B . 5.57 1.71 -0.44
H32 FKZ B . 6.66 1.32 -1.75
H41 FKZ B . 4.49 0.18 -2.02
H42 FKZ B . 5.80 -0.97 -1.93
H52 FKZ B . 5.26 -1.51 0.44
H51 FKZ B . 3.94 -1.81 -0.66
H62 FKZ B . 4.15 0.56 1.27
H61 FKZ B . 3.08 -0.83 1.40
H72 FKZ B . 2.13 -0.08 -0.94
H71 FKZ B . 3.00 1.43 -0.63
H81 FKZ B . 0.74 0.25 1.05
H83 FKZ B . 0.68 1.72 0.05
H82 FKZ B . 1.67 1.69 1.53
H FKZ B . 10.06 0.09 -0.97
N GLY A 1 19.08 0.65 -4.64
CA GLY A 1 17.65 0.99 -4.57
C GLY A 1 16.82 0.11 -5.47
N SER A 2 15.78 -0.51 -4.92
CA SER A 2 14.74 -1.23 -5.68
C SER A 2 13.47 -1.38 -4.85
N ASP A 3 12.31 -1.19 -5.46
CA ASP A 3 10.98 -1.26 -4.84
C ASP A 3 9.93 -1.49 -5.95
N PHE A 4 8.93 -2.32 -5.64
CA PHE A 4 7.81 -2.69 -6.50
C PHE A 4 6.66 -1.67 -6.51
N LEU A 5 6.43 -1.03 -5.36
CA LEU A 5 5.42 -0.01 -5.06
C LEU A 5 3.99 -0.52 -5.03
N SER A 6 3.18 0.13 -4.19
CA SER A 6 1.73 -0.02 -4.21
C SER A 6 1.00 1.18 -3.58
N PRO A 7 0.22 1.96 -4.35
CA PRO A 7 -0.48 3.16 -3.88
C PRO A 7 -1.82 2.79 -3.22
N GLU A 8 -1.90 1.60 -2.63
CA GLU A 8 -3.14 0.99 -2.14
C GLU A 8 -2.94 0.12 -0.90
N HIS A 9 -4.05 -0.13 -0.19
CA HIS A 9 -4.21 -1.10 0.90
C HIS A 9 -3.70 -0.58 2.25
N GLN A 10 -4.25 -1.11 3.33
CA GLN A 10 -4.10 -0.56 4.66
C GLN A 10 -3.66 -1.60 5.70
N ARG A 11 -3.26 -1.13 6.89
CA ARG A 11 -2.66 -1.93 7.95
C ARG A 11 -3.37 -1.70 9.29
N VAL A 12 -4.21 -2.65 9.67
CA VAL A 12 -4.96 -2.71 10.94
C VAL A 12 -5.52 -4.12 11.12
N GLN A 13 -5.32 -4.72 12.29
CA GLN A 13 -5.81 -6.07 12.59
C GLN A 13 -7.21 -5.94 13.19
N GLN A 14 -8.24 -6.49 12.54
CA GLN A 14 -9.63 -6.22 12.89
C GLN A 14 -10.63 -7.14 12.15
N ARG A 15 -11.87 -7.16 12.66
CA ARG A 15 -13.04 -7.75 12.00
C ARG A 15 -12.80 -9.20 11.54
N LYS A 16 -13.31 -9.60 10.37
CA LYS A 16 -13.34 -11.00 9.90
C LYS A 16 -12.16 -11.44 9.01
N GLU A 17 -11.32 -10.52 8.54
CA GLU A 17 -10.31 -10.80 7.51
C GLU A 17 -9.01 -9.99 7.60
N SER A 18 -8.95 -8.93 8.41
CA SER A 18 -7.87 -7.96 8.38
C SER A 18 -6.82 -8.19 9.49
N NH2 A 19 -5.55 -8.06 9.15
HN1 NH2 A 19 -5.29 -7.91 8.18
HN2 NH2 A 19 -4.84 -8.20 9.85
C1 FKZ B . 9.04 -1.04 -0.44
C2 FKZ B . 8.46 0.14 0.36
C3 FKZ B . 7.48 1.04 -0.44
C4 FKZ B . 6.22 0.32 -0.98
C5 FKZ B . 5.35 -0.34 0.12
C6 FKZ B . 3.99 -0.82 -0.42
C7 FKZ B . 3.18 -1.55 0.68
C8 FKZ B . 1.81 -2.05 0.15
N FKZ B . 9.90 -0.60 -1.55
H12 FKZ B . 9.65 -1.66 0.24
H11 FKZ B . 8.23 -1.68 -0.82
H22 FKZ B . 9.29 0.76 0.73
H21 FKZ B . 7.96 -0.24 1.25
H31 FKZ B . 7.17 1.87 0.21
H32 FKZ B . 8.01 1.50 -1.28
H41 FKZ B . 5.61 1.06 -1.51
H42 FKZ B . 6.48 -0.44 -1.72
H52 FKZ B . 5.20 0.37 0.93
H51 FKZ B . 5.89 -1.19 0.55
H62 FKZ B . 4.13 -1.48 -1.28
H61 FKZ B . 3.41 0.05 -0.77
H72 FKZ B . 3.01 -0.88 1.53
H71 FKZ B . 3.75 -2.41 1.05
H81 FKZ B . 1.24 -2.50 0.97
H83 FKZ B . 1.95 -2.80 -0.64
H82 FKZ B . 1.23 -1.22 -0.25
H FKZ B . 10.85 -0.29 -1.33
N GLY A 1 18.72 1.62 -4.40
CA GLY A 1 17.31 1.75 -4.03
C GLY A 1 16.53 0.58 -4.62
N SER A 2 15.42 0.21 -3.99
CA SER A 2 14.69 -1.02 -4.32
C SER A 2 13.26 -1.04 -3.77
N ASP A 3 12.30 -1.32 -4.65
CA ASP A 3 10.86 -1.34 -4.38
C ASP A 3 10.10 -1.75 -5.67
N PHE A 4 8.92 -2.34 -5.49
CA PHE A 4 7.96 -2.79 -6.50
C PHE A 4 6.79 -1.81 -6.69
N LEU A 5 6.49 -1.04 -5.64
CA LEU A 5 5.52 0.05 -5.51
C LEU A 5 4.08 -0.42 -5.46
N SER A 6 3.20 0.46 -5.01
CA SER A 6 1.83 0.03 -4.70
C SER A 6 1.05 -0.36 -5.96
N PRO A 7 0.44 -1.58 -6.01
CA PRO A 7 -0.33 -2.05 -7.16
C PRO A 7 -1.73 -1.41 -7.26
N GLU A 8 -2.00 -0.38 -6.47
CA GLU A 8 -3.25 0.38 -6.49
C GLU A 8 -2.98 1.87 -6.34
N HIS A 9 -3.93 2.65 -6.83
CA HIS A 9 -4.07 4.10 -6.61
C HIS A 9 -3.16 4.97 -7.49
N GLN A 10 -3.33 6.28 -7.32
CA GLN A 10 -2.80 7.30 -8.19
C GLN A 10 -3.05 8.69 -7.58
N ARG A 11 -2.18 9.66 -7.87
CA ARG A 11 -2.33 11.04 -7.42
C ARG A 11 -2.94 11.88 -8.55
N VAL A 12 -4.23 12.20 -8.44
CA VAL A 12 -4.92 13.14 -9.34
C VAL A 12 -4.40 14.56 -9.05
N GLN A 13 -4.33 15.43 -10.06
CA GLN A 13 -3.67 16.74 -10.00
C GLN A 13 -4.41 17.76 -9.11
N GLN A 14 -5.66 17.48 -8.73
CA GLN A 14 -6.39 18.22 -7.69
C GLN A 14 -5.73 18.04 -6.31
N ARG A 15 -6.02 18.96 -5.38
CA ARG A 15 -5.72 18.88 -3.95
C ARG A 15 -7.02 18.97 -3.14
N LYS A 16 -7.14 18.18 -2.07
CA LYS A 16 -8.25 18.23 -1.10
C LYS A 16 -7.98 17.47 0.22
N GLU A 17 -6.71 17.20 0.54
CA GLU A 17 -6.33 16.22 1.55
C GLU A 17 -4.93 16.40 2.16
N SER A 18 -3.99 16.97 1.41
CA SER A 18 -2.57 17.16 1.76
C SER A 18 -1.82 18.07 0.78
N NH2 A 19 -2.25 18.20 -0.46
HN1 NH2 A 19 -3.08 17.71 -0.78
HN2 NH2 A 19 -1.73 18.79 -1.10
C1 FKZ B . 7.99 -0.26 -0.57
C2 FKZ B . 7.05 0.95 -0.71
C3 FKZ B . 5.62 0.62 -0.24
C4 FKZ B . 4.64 1.78 -0.47
C5 FKZ B . 3.19 1.37 -0.12
C6 FKZ B . 2.18 2.52 -0.35
C7 FKZ B . 0.73 2.07 -0.08
C8 FKZ B . -0.29 3.18 -0.38
N FKZ B . 9.13 -0.15 -1.49
H12 FKZ B . 8.36 -0.32 0.46
H11 FKZ B . 7.45 -1.18 -0.80
H22 FKZ B . 7.00 1.25 -1.77
H21 FKZ B . 7.44 1.81 -0.16
H31 FKZ B . 5.27 -0.27 -0.78
H32 FKZ B . 5.64 0.35 0.82
H41 FKZ B . 4.94 2.64 0.13
H42 FKZ B . 4.68 2.09 -1.53
H52 FKZ B . 3.14 1.04 0.93
H51 FKZ B . 2.89 0.51 -0.74
H62 FKZ B . 2.27 2.89 -1.37
H61 FKZ B . 2.43 3.37 0.31
H72 FKZ B . 0.63 1.76 0.97
H71 FKZ B . 0.49 1.19 -0.70
H81 FKZ B . -1.31 2.84 -0.18
H83 FKZ B . -0.23 3.48 -1.43
H82 FKZ B . -0.09 4.07 0.24
H FKZ B . 10.04 0.19 -1.15
N GLY A 1 15.56 2.75 -4.75
CA GLY A 1 16.08 1.43 -4.37
C GLY A 1 15.23 0.32 -4.95
N SER A 2 15.56 -0.93 -4.66
CA SER A 2 14.89 -2.09 -5.23
C SER A 2 13.49 -2.28 -4.65
N ASP A 3 12.45 -1.93 -5.42
CA ASP A 3 11.09 -1.83 -4.92
C ASP A 3 10.06 -1.88 -6.08
N PHE A 4 8.86 -2.36 -5.74
CA PHE A 4 7.73 -2.62 -6.61
C PHE A 4 6.59 -1.60 -6.45
N LEU A 5 6.51 -0.95 -5.27
CA LEU A 5 5.59 0.12 -4.87
C LEU A 5 4.12 -0.28 -4.82
N SER A 6 3.32 0.54 -4.13
CA SER A 6 1.87 0.44 -4.17
C SER A 6 1.14 1.71 -3.67
N PRO A 7 -0.01 2.11 -4.28
CA PRO A 7 -0.85 3.23 -3.83
C PRO A 7 -1.69 2.90 -2.57
N GLU A 8 -1.27 1.89 -1.82
CA GLU A 8 -1.94 1.36 -0.64
C GLU A 8 -0.99 1.28 0.56
N HIS A 9 -1.55 0.92 1.72
CA HIS A 9 -0.83 0.56 2.94
C HIS A 9 -0.08 1.74 3.58
N GLN A 10 0.49 1.50 4.76
CA GLN A 10 0.98 2.54 5.66
C GLN A 10 2.11 2.01 6.56
N ARG A 11 2.74 2.87 7.34
CA ARG A 11 3.67 2.49 8.41
C ARG A 11 3.04 2.66 9.78
N VAL A 12 3.40 1.77 10.69
CA VAL A 12 2.81 1.50 12.01
C VAL A 12 1.42 0.88 11.82
N GLN A 13 1.32 -0.40 12.15
CA GLN A 13 0.10 -1.20 12.06
C GLN A 13 -0.60 -1.37 13.41
N GLN A 14 0.08 -1.07 14.53
CA GLN A 14 -0.41 -1.32 15.89
C GLN A 14 -0.29 -0.08 16.78
N ARG A 15 -1.30 0.18 17.62
CA ARG A 15 -1.33 1.22 18.67
C ARG A 15 -1.13 2.66 18.16
N LYS A 16 -1.17 2.92 16.85
CA LYS A 16 -0.91 4.25 16.29
C LYS A 16 -1.90 5.34 16.78
N GLU A 17 -3.11 4.94 17.14
CA GLU A 17 -4.12 5.75 17.84
C GLU A 17 -4.46 5.15 19.22
N SER A 18 -4.57 3.83 19.30
CA SER A 18 -5.08 3.04 20.42
C SER A 18 -4.02 2.66 21.48
N NH2 A 19 -2.81 3.20 21.40
HN1 NH2 A 19 -2.60 3.86 20.66
HN2 NH2 A 19 -2.12 2.99 22.10
C1 FKZ B . 9.31 -1.85 -0.62
C2 FKZ B . 8.68 -0.72 0.22
C3 FKZ B . 7.47 -1.24 1.02
C4 FKZ B . 6.19 -1.25 0.15
C5 FKZ B . 4.98 -1.84 0.90
C6 FKZ B . 3.69 -1.77 0.05
C7 FKZ B . 2.55 -2.56 0.72
C8 FKZ B . 1.25 -2.53 -0.12
N FKZ B . 10.17 -1.30 -1.67
H12 FKZ B . 9.90 -2.52 0.01
H11 FKZ B . 8.52 -2.44 -1.10
H22 FKZ B . 8.37 0.11 -0.42
H21 FKZ B . 9.44 -0.33 0.91
H31 FKZ B . 7.67 -2.25 1.39
H32 FKZ B . 7.31 -0.61 1.89
H41 FKZ B . 5.96 -0.21 -0.16
H42 FKZ B . 6.36 -1.81 -0.77
H52 FKZ B . 4.82 -1.31 1.85
H51 FKZ B . 5.21 -2.88 1.16
H62 FKZ B . 3.88 -2.17 -0.94
H61 FKZ B . 3.39 -0.73 -0.07
H72 FKZ B . 2.35 -2.17 1.72
H71 FKZ B . 2.85 -3.61 0.84
H81 FKZ B . 1.42 -2.98 -1.10
H83 FKZ B . 0.92 -1.49 -0.26
H82 FKZ B . 0.46 -3.08 0.40
H FKZ B . 11.17 -1.21 -1.51
N GLY A 1 16.94 -0.14 0.06
CA GLY A 1 16.78 -1.30 -0.82
C GLY A 1 15.70 -1.05 -1.85
N SER A 2 15.32 -2.08 -2.60
CA SER A 2 14.38 -1.95 -3.73
C SER A 2 12.93 -1.76 -3.31
N ASP A 3 12.07 -1.40 -4.27
CA ASP A 3 10.62 -1.33 -4.11
C ASP A 3 9.96 -1.56 -5.48
N PHE A 4 8.87 -2.33 -5.43
CA PHE A 4 7.97 -2.77 -6.51
C PHE A 4 6.78 -1.80 -6.74
N LEU A 5 6.45 -1.03 -5.71
CA LEU A 5 5.47 0.06 -5.58
C LEU A 5 4.04 -0.40 -5.40
N SER A 6 3.22 0.50 -4.87
CA SER A 6 1.90 0.14 -4.38
C SER A 6 0.99 -0.39 -5.51
N PRO A 7 0.34 -1.56 -5.33
CA PRO A 7 -0.67 -2.08 -6.25
C PRO A 7 -2.04 -1.39 -6.04
N GLU A 8 -2.06 -0.21 -5.42
CA GLU A 8 -3.25 0.49 -4.93
C GLU A 8 -3.16 2.00 -5.20
N HIS A 9 -4.29 2.69 -5.05
CA HIS A 9 -4.37 4.14 -4.99
C HIS A 9 -3.99 4.82 -6.31
N GLN A 10 -4.93 4.66 -7.25
CA GLN A 10 -4.99 5.26 -8.57
C GLN A 10 -4.10 4.47 -9.57
N ARG A 11 -3.58 3.30 -9.15
CA ARG A 11 -2.64 2.45 -9.86
C ARG A 11 -3.23 1.88 -11.16
N VAL A 12 -2.85 2.43 -12.31
CA VAL A 12 -3.33 2.03 -13.64
C VAL A 12 -2.25 2.20 -14.72
N GLN A 13 -2.37 1.41 -15.79
CA GLN A 13 -1.59 1.50 -17.02
C GLN A 13 -2.31 0.90 -18.25
N GLN A 14 -3.30 0.01 -18.07
CA GLN A 14 -4.00 -0.66 -19.15
C GLN A 14 -5.45 -0.98 -18.72
N ARG A 15 -6.41 -0.30 -19.33
CA ARG A 15 -7.86 -0.35 -19.02
C ARG A 15 -8.73 -0.66 -20.26
N LYS A 16 -8.14 -0.67 -21.46
CA LYS A 16 -8.79 -0.90 -22.76
C LYS A 16 -8.08 -2.06 -23.51
N GLU A 17 -8.39 -2.27 -24.79
CA GLU A 17 -7.86 -3.35 -25.62
C GLU A 17 -6.32 -3.43 -25.61
N SER A 18 -5.78 -4.64 -25.53
CA SER A 18 -4.36 -4.97 -25.31
C SER A 18 -4.14 -6.49 -25.49
N NH2 A 19 -2.89 -6.94 -25.52
HN1 NH2 A 19 -2.75 -7.94 -25.61
HN2 NH2 A 19 -2.11 -6.32 -25.43
C1 FKZ B . 7.48 -0.53 -0.50
C2 FKZ B . 6.67 0.77 -0.22
C3 FKZ B . 6.04 1.38 -1.50
C4 FKZ B . 4.98 2.44 -1.15
C5 FKZ B . 4.47 3.17 -2.41
C6 FKZ B . 3.18 3.98 -2.12
C7 FKZ B . 2.60 4.61 -3.41
C8 FKZ B . 1.12 4.99 -3.24
N FKZ B . 8.69 -0.29 -1.29
H12 FKZ B . 7.76 -0.96 0.47
H11 FKZ B . 6.82 -1.26 -1.00
H22 FKZ B . 7.31 1.51 0.26
H21 FKZ B . 5.87 0.53 0.49
H31 FKZ B . 6.82 1.83 -2.11
H32 FKZ B . 5.57 0.59 -2.10
H41 FKZ B . 4.15 1.96 -0.64
H42 FKZ B . 5.39 3.18 -0.46
H52 FKZ B . 4.25 2.44 -3.18
H51 FKZ B . 5.24 3.84 -2.80
H62 FKZ B . 3.41 4.78 -1.40
H61 FKZ B . 2.44 3.34 -1.64
H72 FKZ B . 2.70 3.91 -4.25
H71 FKZ B . 3.17 5.49 -3.67
H81 FKZ B . 0.98 5.65 -2.38
H83 FKZ B . 0.51 4.10 -3.10
H82 FKZ B . 0.74 5.51 -4.13
H FKZ B . 9.55 -0.06 -0.82
N GLY A 1 17.81 2.03 -5.76
CA GLY A 1 17.39 0.97 -4.82
C GLY A 1 16.33 0.07 -5.42
N SER A 2 15.82 -0.85 -4.62
CA SER A 2 14.87 -1.88 -5.03
C SER A 2 13.50 -1.70 -4.34
N ASP A 3 12.43 -1.72 -5.13
CA ASP A 3 11.05 -1.48 -4.72
C ASP A 3 10.12 -1.79 -5.90
N PHE A 4 8.91 -2.22 -5.56
CA PHE A 4 7.87 -2.74 -6.44
C PHE A 4 6.63 -1.82 -6.49
N LEU A 5 6.36 -1.06 -5.41
CA LEU A 5 5.37 0.01 -5.29
C LEU A 5 3.91 -0.45 -5.34
N SER A 6 3.02 0.41 -4.85
CA SER A 6 1.55 0.38 -4.95
C SER A 6 0.87 1.26 -3.87
N PRO A 7 -0.17 2.04 -4.23
CA PRO A 7 -0.97 2.81 -3.26
C PRO A 7 -2.02 1.96 -2.52
N GLU A 8 -1.96 0.64 -2.65
CA GLU A 8 -2.98 -0.30 -2.19
C GLU A 8 -2.43 -1.40 -1.29
N HIS A 9 -3.35 -2.10 -0.64
CA HIS A 9 -3.19 -3.37 0.08
C HIS A 9 -2.81 -3.23 1.56
N GLN A 10 -3.39 -4.15 2.33
CA GLN A 10 -3.44 -4.18 3.77
C GLN A 10 -3.05 -5.58 4.26
N ARG A 11 -2.17 -5.68 5.26
CA ARG A 11 -1.90 -6.93 5.97
C ARG A 11 -3.18 -7.39 6.69
N VAL A 12 -3.42 -8.69 6.81
CA VAL A 12 -4.67 -9.24 7.36
C VAL A 12 -4.78 -8.90 8.85
N GLN A 13 -5.68 -7.96 9.17
CA GLN A 13 -5.82 -7.37 10.51
C GLN A 13 -7.28 -7.02 10.81
N GLN A 14 -8.19 -7.71 10.13
CA GLN A 14 -9.63 -7.45 10.02
C GLN A 14 -10.23 -8.47 9.03
N ARG A 15 -11.56 -8.47 8.90
CA ARG A 15 -12.31 -9.20 7.85
C ARG A 15 -13.61 -8.48 7.48
N LYS A 16 -14.32 -7.95 8.47
CA LYS A 16 -15.63 -7.33 8.36
C LYS A 16 -15.96 -6.54 9.64
N GLU A 17 -16.05 -5.22 9.51
CA GLU A 17 -16.43 -4.29 10.58
C GLU A 17 -17.92 -4.45 10.89
N SER A 18 -18.31 -4.24 12.15
CA SER A 18 -19.68 -4.49 12.62
C SER A 18 -20.61 -3.27 12.56
N NH2 A 19 -20.07 -2.07 12.31
HN1 NH2 A 19 -19.08 -1.96 12.21
HN2 NH2 A 19 -20.69 -1.28 12.23
C1 FKZ B . 8.88 0.36 -0.74
C2 FKZ B . 8.47 -0.90 0.05
C3 FKZ B . 7.41 -0.63 1.14
C4 FKZ B . 5.95 -0.93 0.70
C5 FKZ B . 5.40 -0.02 -0.42
C6 FKZ B . 3.89 -0.24 -0.68
C7 FKZ B . 3.58 -1.59 -1.35
C8 FKZ B . 2.08 -1.95 -1.38
N FKZ B . 9.88 0.05 -1.75
H12 FKZ B . 8.00 0.80 -1.20
H11 FKZ B . 9.30 1.09 -0.03
H22 FKZ B . 9.37 -1.31 0.53
H21 FKZ B . 8.12 -1.68 -0.63
H31 FKZ B . 7.63 -1.29 1.99
H32 FKZ B . 7.49 0.40 1.51
H41 FKZ B . 5.89 -1.99 0.41
H42 FKZ B . 5.31 -0.81 1.59
H52 FKZ B . 5.95 -0.20 -1.36
H51 FKZ B . 5.57 1.03 -0.15
H62 FKZ B . 3.52 0.57 -1.32
H61 FKZ B . 3.34 -0.16 0.27
H72 FKZ B . 4.09 -2.39 -0.82
H71 FKZ B . 3.97 -1.58 -2.38
H81 FKZ B . 1.51 -1.20 -1.91
H83 FKZ B . 1.69 -2.02 -0.35
H82 FKZ B . 1.93 -2.92 -1.86
H FKZ B . 10.87 0.16 -1.54
N GLY A 1 16.99 2.55 -4.76
CA GLY A 1 16.71 1.43 -3.86
C GLY A 1 15.51 0.67 -4.37
N SER A 2 15.70 -0.55 -4.83
CA SER A 2 14.64 -1.33 -5.48
C SER A 2 13.37 -1.48 -4.62
N ASP A 3 12.23 -1.14 -5.22
CA ASP A 3 10.88 -1.20 -4.67
C ASP A 3 9.91 -1.44 -5.85
N PHE A 4 8.86 -2.20 -5.58
CA PHE A 4 7.82 -2.65 -6.50
C PHE A 4 6.55 -1.76 -6.48
N LEU A 5 6.30 -1.09 -5.34
CA LEU A 5 5.27 -0.06 -5.08
C LEU A 5 3.84 -0.58 -5.03
N SER A 6 2.99 0.13 -4.30
CA SER A 6 1.53 0.02 -4.32
C SER A 6 0.87 1.17 -3.53
N PRO A 7 0.06 2.04 -4.16
CA PRO A 7 -0.54 3.23 -3.53
C PRO A 7 -1.77 2.90 -2.66
N GLU A 8 -1.84 1.65 -2.18
CA GLU A 8 -3.00 1.04 -1.53
C GLU A 8 -2.64 0.48 -0.14
N HIS A 9 -3.47 -0.45 0.37
CA HIS A 9 -3.20 -1.30 1.52
C HIS A 9 -3.41 -0.65 2.89
N GLN A 10 -3.52 -1.54 3.86
CA GLN A 10 -3.95 -1.30 5.21
C GLN A 10 -2.74 -0.77 5.98
N ARG A 11 -2.55 0.55 5.98
CA ARG A 11 -1.42 1.20 6.64
C ARG A 11 -1.68 1.35 8.14
N VAL A 12 -0.65 1.13 8.94
CA VAL A 12 -0.61 1.15 10.42
C VAL A 12 0.85 1.03 10.82
N GLN A 13 1.32 1.93 11.69
CA GLN A 13 2.74 2.11 12.01
C GLN A 13 3.05 2.31 13.49
N GLN A 14 2.05 2.33 14.37
CA GLN A 14 2.25 2.37 15.82
C GLN A 14 2.26 0.96 16.44
N ARG A 15 2.76 0.84 17.68
CA ARG A 15 2.79 -0.40 18.50
C ARG A 15 3.85 -1.42 18.04
N LYS A 16 4.79 -1.02 17.18
CA LYS A 16 5.89 -1.86 16.66
C LYS A 16 7.21 -1.66 17.43
N GLU A 17 7.24 -0.76 18.42
CA GLU A 17 8.45 -0.33 19.13
C GLU A 17 8.79 -1.33 20.25
N SER A 18 7.84 -1.55 21.17
CA SER A 18 7.89 -2.61 22.18
C SER A 18 6.57 -3.39 22.30
N NH2 A 19 5.51 -2.97 21.62
HN1 NH2 A 19 5.54 -2.12 21.07
HN2 NH2 A 19 4.65 -3.50 21.67
C1 FKZ B . 8.51 -0.73 -0.47
C2 FKZ B . 7.46 0.38 -0.23
C3 FKZ B . 6.07 -0.19 0.16
C4 FKZ B . 5.34 -0.81 -1.06
C5 FKZ B . 4.10 -1.65 -0.67
C6 FKZ B . 2.96 -0.80 -0.05
C7 FKZ B . 1.71 -1.64 0.30
C8 FKZ B . 1.94 -2.56 1.51
N FKZ B . 9.50 -0.32 -1.47
H12 FKZ B . 9.02 -0.95 0.48
H11 FKZ B . 8.03 -1.65 -0.81
H22 FKZ B . 7.33 0.99 -1.13
H21 FKZ B . 7.82 1.06 0.56
H31 FKZ B . 6.20 -0.95 0.95
H32 FKZ B . 5.47 0.61 0.58
H41 FKZ B . 5.03 0.00 -1.75
H42 FKZ B . 6.01 -1.45 -1.63
H52 FKZ B . 4.41 -2.43 0.02
H51 FKZ B . 3.72 -2.14 -1.57
H62 FKZ B . 2.68 -0.03 -0.78
H61 FKZ B . 3.31 -0.28 0.84
H72 FKZ B . 1.41 -2.24 -0.57
H71 FKZ B . 0.88 -0.95 0.51
H81 FKZ B . 1.02 -3.11 1.74
H83 FKZ B . 2.21 -1.98 2.40
H82 FKZ B . 2.72 -3.30 1.31
H FKZ B . 10.41 0.01 -1.18
N GLY A 1 18.95 -1.21 -1.56
CA GLY A 1 17.78 -2.06 -1.77
C GLY A 1 16.98 -1.61 -2.98
N SER A 2 15.67 -1.86 -2.98
CA SER A 2 14.73 -1.56 -4.08
C SER A 2 13.26 -1.57 -3.63
N ASP A 3 12.33 -1.33 -4.55
CA ASP A 3 10.88 -1.33 -4.30
C ASP A 3 10.09 -1.62 -5.60
N PHE A 4 8.97 -2.32 -5.44
CA PHE A 4 8.01 -2.74 -6.45
C PHE A 4 6.85 -1.74 -6.66
N LEU A 5 6.45 -1.05 -5.57
CA LEU A 5 5.45 0.01 -5.46
C LEU A 5 4.00 -0.48 -5.46
N SER A 6 3.16 0.30 -4.80
CA SER A 6 1.70 0.23 -4.81
C SER A 6 1.12 1.40 -3.99
N PRO A 7 0.74 2.54 -4.61
CA PRO A 7 0.22 3.71 -3.89
C PRO A 7 -1.25 3.56 -3.52
N GLU A 8 -1.73 2.32 -3.45
CA GLU A 8 -3.14 1.97 -3.34
C GLU A 8 -3.46 1.38 -1.97
N HIS A 9 -4.75 1.35 -1.66
CA HIS A 9 -5.34 0.63 -0.53
C HIS A 9 -5.10 1.28 0.84
N GLN A 10 -5.62 0.64 1.88
CA GLN A 10 -5.76 1.23 3.20
C GLN A 10 -5.88 0.17 4.29
N ARG A 11 -5.55 0.54 5.52
CA ARG A 11 -5.92 -0.26 6.69
C ARG A 11 -7.34 0.16 7.03
N VAL A 12 -8.32 -0.70 6.81
CA VAL A 12 -9.74 -0.48 7.16
C VAL A 12 -9.82 -0.44 8.68
N GLN A 13 -10.46 0.58 9.24
CA GLN A 13 -10.40 0.87 10.66
C GLN A 13 -11.63 1.65 11.16
N GLN A 14 -12.81 1.32 10.64
CA GLN A 14 -14.10 1.82 11.12
C GLN A 14 -14.29 1.51 12.61
N ARG A 15 -13.77 0.36 13.07
CA ARG A 15 -13.71 -0.07 14.46
C ARG A 15 -12.34 -0.71 14.74
N LYS A 16 -12.01 -0.98 16.00
CA LYS A 16 -10.82 -1.79 16.34
C LYS A 16 -11.11 -3.29 16.16
N GLU A 17 -10.29 -3.99 15.39
CA GLU A 17 -10.45 -5.42 15.13
C GLU A 17 -10.19 -6.29 16.37
N SER A 18 -11.05 -7.29 16.57
CA SER A 18 -10.87 -8.35 17.58
C SER A 18 -10.12 -9.57 17.01
N NH2 A 19 -9.86 -9.62 15.71
HN1 NH2 A 19 -9.32 -10.38 15.33
HN2 NH2 A 19 -10.15 -8.86 15.11
C1 FKZ B . 8.16 -0.69 -0.35
C2 FKZ B . 7.49 0.58 0.23
C3 FKZ B . 6.61 1.36 -0.77
C4 FKZ B . 5.44 0.56 -1.38
C5 FKZ B . 4.55 -0.16 -0.35
C6 FKZ B . 3.28 -0.75 -0.99
C7 FKZ B . 2.36 -1.41 0.06
C8 FKZ B . 1.06 -1.95 -0.60
N FKZ B . 9.20 -0.36 -1.33
H12 FKZ B . 8.63 -1.25 0.47
H11 FKZ B . 7.41 -1.34 -0.80
H22 FKZ B . 8.29 1.25 0.62
H21 FKZ B . 6.89 0.30 1.10
H31 FKZ B . 6.20 2.24 -0.26
H32 FKZ B . 7.24 1.76 -1.58
H41 FKZ B . 4.82 1.25 -1.97
H42 FKZ B . 5.83 -0.18 -2.10
H52 FKZ B . 4.29 0.54 0.45
H51 FKZ B . 5.13 -0.97 0.12
H62 FKZ B . 3.56 -1.46 -1.76
H61 FKZ B . 2.74 0.07 -1.48
H72 FKZ B . 2.08 -0.68 0.83
H71 FKZ B . 2.88 -2.23 0.55
H81 FKZ B . 0.51 -1.15 -1.10
H83 FKZ B . 0.41 -2.39 0.17
H82 FKZ B . 1.29 -2.73 -1.34
H FKZ B . 10.07 0.05 -1.00
N GLY A 1 18.72 -1.27 -3.70
CA GLY A 1 17.83 -2.25 -4.34
C GLY A 1 16.60 -1.57 -4.92
N SER A 2 15.97 -2.20 -5.89
CA SER A 2 14.73 -1.73 -6.52
C SER A 2 13.50 -1.94 -5.61
N ASP A 3 12.31 -1.53 -6.07
CA ASP A 3 11.05 -1.59 -5.34
C ASP A 3 9.92 -1.77 -6.36
N PHE A 4 8.88 -2.48 -5.94
CA PHE A 4 7.68 -2.79 -6.70
C PHE A 4 6.60 -1.71 -6.61
N LEU A 5 6.53 -1.03 -5.46
CA LEU A 5 5.57 0.04 -5.12
C LEU A 5 4.11 -0.41 -5.10
N SER A 6 3.30 0.36 -4.40
CA SER A 6 1.84 0.25 -4.42
C SER A 6 1.16 1.43 -3.70
N PRO A 7 0.02 1.97 -4.18
CA PRO A 7 -0.67 3.11 -3.55
C PRO A 7 -1.61 2.68 -2.41
N GLU A 8 -1.39 1.50 -1.84
CA GLU A 8 -2.26 0.86 -0.84
C GLU A 8 -1.46 0.30 0.34
N HIS A 9 -2.17 -0.43 1.22
CA HIS A 9 -1.68 -1.30 2.28
C HIS A 9 -1.59 -0.71 3.68
N GLN A 10 -2.03 -1.53 4.63
CA GLN A 10 -2.32 -1.24 6.02
C GLN A 10 -3.01 -2.46 6.62
N ARG A 11 -3.24 -2.50 7.93
CA ARG A 11 -4.04 -3.54 8.55
C ARG A 11 -5.51 -3.39 8.10
N VAL A 12 -6.02 -4.41 7.42
CA VAL A 12 -7.33 -4.51 6.74
C VAL A 12 -7.35 -5.79 5.89
N GLN A 13 -8.48 -6.50 5.86
CA GLN A 13 -8.69 -7.61 4.94
C GLN A 13 -8.67 -7.11 3.48
N GLN A 14 -7.97 -7.85 2.63
CA GLN A 14 -7.66 -7.46 1.26
C GLN A 14 -8.89 -7.44 0.33
N ARG A 15 -8.92 -6.49 -0.61
CA ARG A 15 -9.88 -6.34 -1.73
C ARG A 15 -11.29 -5.87 -1.34
N LYS A 16 -11.77 -6.06 -0.11
CA LYS A 16 -13.15 -5.71 0.26
C LYS A 16 -13.50 -4.21 0.07
N GLU A 17 -12.53 -3.30 0.19
CA GLU A 17 -12.65 -1.88 -0.20
C GLU A 17 -11.29 -1.18 -0.48
N SER A 18 -10.17 -1.86 -0.28
CA SER A 18 -8.81 -1.36 -0.47
C SER A 18 -7.86 -2.55 -0.70
N NH2 A 19 -6.58 -2.48 -0.36
HN1 NH2 A 19 -6.23 -1.67 0.13
HN2 NH2 A 19 -6.01 -3.30 -0.45
C1 FKZ B . 9.83 -1.36 -0.70
C2 FKZ B . 9.29 -0.18 0.16
C3 FKZ B . 8.07 0.55 -0.45
C4 FKZ B . 6.81 -0.36 -0.56
C5 FKZ B . 5.55 0.43 -0.97
C6 FKZ B . 4.32 -0.47 -1.19
C7 FKZ B . 3.86 -1.23 0.07
C8 FKZ B . 2.56 -2.02 -0.17
N FKZ B . 10.46 -0.90 -1.94
H12 FKZ B . 10.58 -1.89 -0.12
H11 FKZ B . 9.02 -2.07 -0.93
H22 FKZ B . 10.11 0.55 0.31
H21 FKZ B . 9.03 -0.56 1.15
H31 FKZ B . 7.83 1.40 0.20
H32 FKZ B . 8.32 0.96 -1.43
H41 FKZ B . 7.00 -1.15 -1.29
H42 FKZ B . 6.65 -0.85 0.41
H52 FKZ B . 5.77 0.99 -1.89
H51 FKZ B . 5.33 1.18 -0.20
H62 FKZ B . 4.52 -1.17 -2.00
H61 FKZ B . 3.49 0.18 -1.54
H72 FKZ B . 3.70 -0.53 0.89
H71 FKZ B . 4.64 -1.93 0.38
H81 FKZ B . 2.30 -2.60 0.72
H83 FKZ B . 2.68 -2.72 -1.01
H82 FKZ B . 1.72 -1.35 -0.39
H FKZ B . 11.41 -0.54 -1.89
N GLY A 1 18.65 -0.20 -2.21
CA GLY A 1 17.46 -0.95 -1.82
C GLY A 1 16.67 -1.34 -3.07
N SER A 2 15.47 -1.87 -2.89
CA SER A 2 14.55 -2.20 -3.98
C SER A 2 13.09 -2.10 -3.54
N ASP A 3 12.22 -1.59 -4.42
CA ASP A 3 10.79 -1.46 -4.18
C ASP A 3 10.04 -1.68 -5.52
N PHE A 4 8.85 -2.25 -5.41
CA PHE A 4 7.95 -2.69 -6.47
C PHE A 4 6.79 -1.72 -6.73
N LEU A 5 6.35 -1.01 -5.67
CA LEU A 5 5.40 0.12 -5.65
C LEU A 5 3.93 -0.28 -5.75
N SER A 6 3.05 0.69 -5.50
CA SER A 6 1.62 0.42 -5.34
C SER A 6 0.91 0.15 -6.69
N PRO A 7 0.11 -0.93 -6.81
CA PRO A 7 -0.70 -1.21 -8.00
C PRO A 7 -2.00 -0.37 -8.07
N GLU A 8 -2.15 0.58 -7.15
CA GLU A 8 -3.35 1.39 -6.89
C GLU A 8 -2.96 2.71 -6.23
N HIS A 9 -3.92 3.63 -6.11
CA HIS A 9 -3.90 4.84 -5.27
C HIS A 9 -3.31 6.09 -5.93
N GLN A 10 -4.02 7.20 -5.75
CA GLN A 10 -3.81 8.45 -6.47
C GLN A 10 -4.28 9.70 -5.70
N ARG A 11 -5.06 9.58 -4.64
CA ARG A 11 -5.60 10.73 -3.91
C ARG A 11 -4.58 11.36 -2.97
N VAL A 12 -4.32 12.65 -3.16
CA VAL A 12 -3.54 13.54 -2.27
C VAL A 12 -3.99 13.46 -0.80
N GLN A 13 -3.03 13.61 0.13
CA GLN A 13 -3.24 13.42 1.58
C GLN A 13 -4.18 14.48 2.19
N GLN A 14 -5.44 14.10 2.44
CA GLN A 14 -6.61 14.89 2.84
C GLN A 14 -7.91 14.10 2.56
N ARG A 15 -9.07 14.65 2.92
CA ARG A 15 -10.39 14.15 2.55
C ARG A 15 -11.26 15.31 2.04
N LYS A 16 -11.87 15.17 0.86
CA LYS A 16 -12.65 16.25 0.22
C LYS A 16 -13.76 15.77 -0.74
N GLU A 17 -13.92 14.46 -0.93
CA GLU A 17 -15.07 13.87 -1.60
C GLU A 17 -16.30 13.86 -0.66
N SER A 18 -17.46 13.44 -1.14
CA SER A 18 -18.71 13.49 -0.37
C SER A 18 -18.76 12.58 0.87
N NH2 A 19 -17.99 11.50 0.93
HN1 NH2 A 19 -17.45 11.23 0.12
HN2 NH2 A 19 -18.02 10.92 1.75
C1 FKZ B . 7.97 -0.78 -0.39
C2 FKZ B . 7.26 0.43 0.23
C3 FKZ B . 6.38 1.25 -0.75
C4 FKZ B . 5.13 0.47 -1.27
C5 FKZ B . 4.17 1.32 -2.14
C6 FKZ B . 3.46 2.50 -1.41
C7 FKZ B . 2.50 2.08 -0.27
C8 FKZ B . 1.26 1.29 -0.74
N FKZ B . 9.07 -0.40 -1.30
H12 FKZ B . 8.42 -1.37 0.42
H11 FKZ B . 7.26 -1.43 -0.91
H22 FKZ B . 8.01 1.11 0.67
H21 FKZ B . 6.63 0.09 1.06
H31 FKZ B . 6.04 2.15 -0.23
H32 FKZ B . 6.98 1.59 -1.61
H41 FKZ B . 5.47 -0.37 -1.86
H42 FKZ B . 4.58 0.05 -0.42
H52 FKZ B . 3.43 0.67 -2.59
H51 FKZ B . 4.74 1.75 -2.97
H62 FKZ B . 2.88 3.06 -2.15
H61 FKZ B . 4.21 3.19 -1.02
H72 FKZ B . 2.15 2.99 0.24
H71 FKZ B . 3.05 1.51 0.49
H81 FKZ B . 0.68 1.86 -1.46
H83 FKZ B . 0.62 1.04 0.11
H82 FKZ B . 1.56 0.33 -1.21
H FKZ B . 9.99 -0.23 -0.91
#